data_3MC1
#
_entry.id   3MC1
#
_cell.length_a   63.938
_cell.length_b   53.524
_cell.length_c   64.182
_cell.angle_alpha   90.00
_cell.angle_beta   97.10
_cell.angle_gamma   90.00
#
_symmetry.space_group_name_H-M   'P 1 21 1'
#
loop_
_entity.id
_entity.type
_entity.pdbx_description
1 polymer 'Predicted phosphatase, HAD family'
2 non-polymer 'SODIUM ION'
3 non-polymer 'CHLORIDE ION'
4 non-polymer GLYCEROL
5 water water
#
_entity_poly.entity_id   1
_entity_poly.type   'polypeptide(L)'
_entity_poly.pdbx_seq_one_letter_code
;(MSE)SLYNYVLFDLDGTLTDSAEGITKSVKYSLNKFDIQVEDLSSLNKFVGPPLKTSF(MSE)EYYNFDEETATVAIDY
YRDYFKAKG(MSE)FENKVYDGIEALLSSLKDYGFHLVVATSKPTVFSKQILEHFKLAFYFDAIVGSSLDGKLSTKEDVI
RYA(MSE)ESLNIKSDDAI(MSE)IGDREYDVIGALKNNLPSIGVTYGFGSYEELKNAGANYIVNSVDELHKKILELREG
HHHHHH
;
_entity_poly.pdbx_strand_id   A,B
#
loop_
_chem_comp.id
_chem_comp.type
_chem_comp.name
_chem_comp.formula
CL non-polymer 'CHLORIDE ION' 'Cl -1'
GOL non-polymer GLYCEROL 'C3 H8 O3'
NA non-polymer 'SODIUM ION' 'Na 1'
#
# COMPACT_ATOMS: atom_id res chain seq x y z
N SER A 2 -18.41 23.67 14.59
CA SER A 2 -18.82 22.53 13.72
C SER A 2 -19.04 21.28 14.56
N LEU A 3 -19.90 21.39 15.57
CA LEU A 3 -20.19 20.27 16.44
C LEU A 3 -21.07 19.25 15.70
N TYR A 4 -20.59 18.01 15.64
CA TYR A 4 -21.35 16.93 15.02
C TYR A 4 -21.53 15.88 16.12
N ASN A 5 -22.64 15.16 16.07
CA ASN A 5 -22.95 14.19 17.11
C ASN A 5 -22.73 12.72 16.78
N TYR A 6 -22.56 12.38 15.51
CA TYR A 6 -22.42 10.99 15.12
C TYR A 6 -21.08 10.62 14.52
N VAL A 7 -20.60 9.44 14.87
CA VAL A 7 -19.34 8.93 14.36
C VAL A 7 -19.60 7.50 13.86
N LEU A 8 -19.50 7.31 12.54
CA LEU A 8 -19.69 5.99 11.92
C LEU A 8 -18.32 5.34 11.73
N PHE A 9 -18.23 4.04 12.00
CA PHE A 9 -17.00 3.28 11.89
C PHE A 9 -17.20 2.05 11.02
N ASP A 10 -16.19 1.70 10.24
CA ASP A 10 -16.28 0.45 9.49
C ASP A 10 -15.83 -0.55 10.56
N LEU A 11 -15.93 -1.85 10.28
CA LEU A 11 -15.55 -2.87 11.27
C LEU A 11 -14.15 -3.44 11.06
N ASP A 12 -14.01 -4.27 10.03
CA ASP A 12 -12.72 -4.89 9.70
C ASP A 12 -11.68 -3.84 9.32
N GLY A 13 -10.52 -3.90 9.94
CA GLY A 13 -9.46 -2.96 9.62
C GLY A 13 -9.54 -1.60 10.31
N THR A 14 -10.61 -1.38 11.07
CA THR A 14 -10.78 -0.11 11.77
C THR A 14 -10.97 -0.40 13.26
N LEU A 15 -11.90 -1.31 13.57
CA LEU A 15 -12.14 -1.66 14.95
C LEU A 15 -11.44 -2.96 15.31
N THR A 16 -11.43 -3.90 14.37
CA THR A 16 -10.82 -5.20 14.61
C THR A 16 -9.79 -5.61 13.54
N ASP A 17 -8.73 -6.27 13.99
CA ASP A 17 -7.69 -6.80 13.10
C ASP A 17 -8.21 -8.20 12.81
N SER A 18 -9.02 -8.32 11.76
CA SER A 18 -9.65 -9.59 11.41
C SER A 18 -9.04 -10.37 10.26
N ALA A 19 -7.87 -9.94 9.80
CA ALA A 19 -7.20 -10.58 8.66
C ALA A 19 -7.07 -12.11 8.73
N GLU A 20 -6.66 -12.63 9.87
CA GLU A 20 -6.47 -14.08 10.00
C GLU A 20 -7.71 -14.87 9.60
N GLY A 21 -8.83 -14.60 10.27
CA GLY A 21 -10.06 -15.30 9.97
C GLY A 21 -10.60 -15.08 8.57
N ILE A 22 -10.50 -13.84 8.08
CA ILE A 22 -11.00 -13.51 6.75
C ILE A 22 -10.13 -14.13 5.64
N THR A 23 -8.82 -14.01 5.74
CA THR A 23 -7.96 -14.56 4.70
C THR A 23 -8.06 -16.09 4.70
N LYS A 24 -8.26 -16.67 5.88
CA LYS A 24 -8.40 -18.12 5.97
C LYS A 24 -9.72 -18.58 5.35
N SER A 25 -10.77 -17.79 5.49
CA SER A 25 -12.07 -18.14 4.91
C SER A 25 -11.99 -18.04 3.39
N VAL A 26 -11.25 -17.04 2.89
CA VAL A 26 -11.10 -16.88 1.45
C VAL A 26 -10.26 -18.04 0.90
N LYS A 27 -9.18 -18.38 1.60
CA LYS A 27 -8.31 -19.48 1.17
C LYS A 27 -9.12 -20.78 1.14
N TYR A 28 -9.96 -20.97 2.16
CA TYR A 28 -10.79 -22.17 2.24
C TYR A 28 -11.72 -22.22 1.03
N SER A 29 -12.27 -21.07 0.67
CA SER A 29 -13.19 -20.97 -0.46
C SER A 29 -12.49 -21.17 -1.81
N LEU A 30 -11.36 -20.50 -1.99
CA LEU A 30 -10.61 -20.60 -3.23
C LEU A 30 -10.10 -22.02 -3.48
N ASN A 31 -9.66 -22.67 -2.41
CA ASN A 31 -9.15 -24.04 -2.51
C ASN A 31 -10.22 -25.00 -3.03
N LYS A 32 -11.48 -24.64 -2.83
CA LYS A 32 -12.59 -25.45 -3.30
C LYS A 32 -12.70 -25.33 -4.82
N PHE A 33 -12.02 -24.32 -5.36
CA PHE A 33 -12.03 -24.07 -6.80
C PHE A 33 -10.66 -24.52 -7.33
N ASP A 34 -9.96 -25.26 -6.48
CA ASP A 34 -8.63 -25.78 -6.79
C ASP A 34 -7.64 -24.63 -7.02
N ILE A 35 -7.96 -23.49 -6.42
CA ILE A 35 -7.10 -22.32 -6.51
C ILE A 35 -6.27 -22.31 -5.23
N GLN A 36 -4.95 -22.40 -5.38
CA GLN A 36 -4.09 -22.41 -4.22
C GLN A 36 -3.56 -20.99 -4.01
N VAL A 37 -3.16 -20.69 -2.78
CA VAL A 37 -2.62 -19.37 -2.47
C VAL A 37 -1.34 -19.59 -1.68
N GLU A 38 -0.24 -18.96 -2.11
CA GLU A 38 1.03 -19.13 -1.43
C GLU A 38 0.94 -18.75 0.05
N ASP A 39 0.50 -17.53 0.33
CA ASP A 39 0.36 -17.10 1.71
C ASP A 39 -0.87 -16.21 1.89
N LEU A 40 -1.52 -16.38 3.02
CA LEU A 40 -2.73 -15.64 3.37
C LEU A 40 -2.59 -14.15 3.14
N SER A 41 -1.44 -13.60 3.52
CA SER A 41 -1.18 -12.18 3.38
C SER A 41 -1.56 -11.63 2.00
N SER A 42 -1.45 -12.46 0.97
CA SER A 42 -1.79 -12.02 -0.38
C SER A 42 -3.30 -11.84 -0.55
N LEU A 43 -4.06 -12.22 0.47
CA LEU A 43 -5.51 -12.10 0.43
C LEU A 43 -5.99 -10.96 1.33
N ASN A 44 -5.08 -10.14 1.82
CA ASN A 44 -5.43 -9.02 2.68
C ASN A 44 -6.39 -8.05 2.00
N LYS A 45 -6.25 -7.90 0.69
CA LYS A 45 -7.10 -6.99 -0.08
C LYS A 45 -8.57 -7.35 0.01
N PHE A 46 -8.86 -8.56 0.46
CA PHE A 46 -10.24 -9.03 0.61
C PHE A 46 -10.85 -8.47 1.91
N VAL A 47 -10.02 -7.85 2.73
CA VAL A 47 -10.50 -7.30 4.00
C VAL A 47 -11.02 -5.90 3.84
N GLY A 48 -12.34 -5.75 3.94
CA GLY A 48 -12.97 -4.45 3.82
C GLY A 48 -14.10 -4.38 2.80
N PRO A 49 -13.81 -4.57 1.50
CA PRO A 49 -14.85 -4.52 0.46
C PRO A 49 -15.80 -5.71 0.46
N PRO A 50 -16.95 -5.58 -0.25
CA PRO A 50 -17.91 -6.68 -0.31
C PRO A 50 -17.19 -7.89 -0.92
N LEU A 51 -17.38 -9.08 -0.36
CA LEU A 51 -16.72 -10.27 -0.91
C LEU A 51 -16.98 -10.45 -2.40
N LYS A 52 -18.23 -10.24 -2.80
CA LYS A 52 -18.61 -10.42 -4.20
C LYS A 52 -17.72 -9.60 -5.12
N THR A 53 -17.59 -8.31 -4.83
CA THR A 53 -16.77 -7.43 -5.65
C THR A 53 -15.33 -7.99 -5.74
N SER A 54 -14.82 -8.50 -4.63
CA SER A 54 -13.47 -9.04 -4.58
C SER A 54 -13.27 -10.35 -5.35
N PHE A 55 -14.18 -11.31 -5.19
CA PHE A 55 -14.05 -12.58 -5.91
C PHE A 55 -14.16 -12.35 -7.41
N MSE A 56 -15.05 -11.44 -7.81
CA MSE A 56 -15.23 -11.13 -9.23
C MSE A 56 -14.02 -10.40 -9.80
O MSE A 56 -13.56 -10.71 -10.90
CB MSE A 56 -16.48 -10.27 -9.42
CG MSE A 56 -17.77 -11.02 -9.13
SE MSE A 56 -19.32 -9.93 -9.45
CE MSE A 56 -19.38 -10.04 -11.38
N GLU A 57 -13.50 -9.43 -9.06
CA GLU A 57 -12.35 -8.65 -9.50
C GLU A 57 -11.03 -9.40 -9.51
N TYR A 58 -10.74 -10.11 -8.42
CA TYR A 58 -9.48 -10.84 -8.29
C TYR A 58 -9.45 -12.25 -8.89
N TYR A 59 -10.62 -12.79 -9.20
CA TYR A 59 -10.69 -14.14 -9.75
C TYR A 59 -11.63 -14.24 -10.94
N ASN A 60 -12.02 -13.08 -11.45
CA ASN A 60 -12.91 -12.98 -12.60
C ASN A 60 -14.17 -13.84 -12.55
N PHE A 61 -14.64 -14.18 -11.35
CA PHE A 61 -15.84 -14.98 -11.23
C PHE A 61 -17.03 -14.15 -11.69
N ASP A 62 -18.09 -14.81 -12.14
CA ASP A 62 -19.27 -14.07 -12.54
C ASP A 62 -20.13 -13.97 -11.29
N GLU A 63 -21.26 -13.27 -11.40
CA GLU A 63 -22.17 -13.09 -10.28
C GLU A 63 -22.46 -14.38 -9.52
N GLU A 64 -23.02 -15.37 -10.21
CA GLU A 64 -23.37 -16.65 -9.60
C GLU A 64 -22.20 -17.44 -9.02
N THR A 65 -21.06 -17.42 -9.68
CA THR A 65 -19.89 -18.15 -9.19
C THR A 65 -19.32 -17.49 -7.93
N ALA A 66 -19.36 -16.16 -7.91
CA ALA A 66 -18.87 -15.41 -6.76
C ALA A 66 -19.79 -15.72 -5.57
N THR A 67 -21.07 -15.90 -5.86
CA THR A 67 -22.04 -16.20 -4.82
C THR A 67 -21.75 -17.56 -4.21
N VAL A 68 -21.29 -18.50 -5.02
CA VAL A 68 -20.97 -19.85 -4.54
C VAL A 68 -19.75 -19.73 -3.65
N ALA A 69 -18.77 -18.96 -4.12
CA ALA A 69 -17.54 -18.73 -3.40
C ALA A 69 -17.82 -18.08 -2.03
N ILE A 70 -18.79 -17.17 -2.01
CA ILE A 70 -19.14 -16.49 -0.77
C ILE A 70 -19.70 -17.49 0.23
N ASP A 71 -20.50 -18.45 -0.26
CA ASP A 71 -21.06 -19.46 0.62
C ASP A 71 -19.99 -20.36 1.23
N TYR A 72 -18.98 -20.75 0.46
CA TYR A 72 -17.91 -21.58 0.99
C TYR A 72 -17.18 -20.80 2.07
N TYR A 73 -16.91 -19.53 1.76
CA TYR A 73 -16.24 -18.63 2.68
C TYR A 73 -16.99 -18.66 4.01
N ARG A 74 -18.31 -18.51 3.94
CA ARG A 74 -19.12 -18.49 5.15
C ARG A 74 -19.17 -19.80 5.94
N ASP A 75 -19.06 -20.93 5.25
CA ASP A 75 -19.06 -22.22 5.94
C ASP A 75 -17.97 -22.21 6.99
N TYR A 76 -16.84 -21.60 6.64
CA TYR A 76 -15.71 -21.52 7.55
C TYR A 76 -15.74 -20.28 8.46
N PHE A 77 -16.14 -19.14 7.89
CA PHE A 77 -16.17 -17.89 8.66
C PHE A 77 -17.18 -17.89 9.80
N LYS A 78 -18.40 -18.34 9.52
CA LYS A 78 -19.43 -18.32 10.54
C LYS A 78 -19.07 -19.12 11.79
N ALA A 79 -18.22 -20.13 11.63
CA ALA A 79 -17.88 -21.00 12.75
C ALA A 79 -16.47 -20.89 13.30
N LYS A 80 -15.54 -20.40 12.49
CA LYS A 80 -14.17 -20.28 12.94
C LYS A 80 -13.55 -18.95 12.60
N GLY A 81 -13.68 -18.55 11.34
CA GLY A 81 -13.12 -17.29 10.89
C GLY A 81 -13.42 -16.05 11.73
N MSE A 82 -14.70 -15.85 12.07
CA MSE A 82 -15.07 -14.66 12.84
C MSE A 82 -14.36 -14.56 14.18
O MSE A 82 -14.20 -13.44 14.70
CB MSE A 82 -16.60 -14.61 13.06
CG MSE A 82 -17.17 -15.77 13.87
SE MSE A 82 -18.93 -15.34 14.61
CE MSE A 82 -18.35 -14.25 16.13
N PHE A 83 -13.93 -15.69 14.73
CA PHE A 83 -13.24 -15.72 16.02
C PHE A 83 -11.72 -15.55 15.90
N GLU A 84 -11.17 -15.82 14.72
CA GLU A 84 -9.74 -15.64 14.47
C GLU A 84 -9.69 -14.16 14.16
N ASN A 85 -9.88 -13.39 15.22
CA ASN A 85 -10.02 -11.95 15.17
C ASN A 85 -9.40 -11.35 16.43
N LYS A 86 -9.20 -10.03 16.41
CA LYS A 86 -8.63 -9.30 17.55
C LYS A 86 -9.09 -7.86 17.45
N VAL A 87 -9.26 -7.20 18.59
CA VAL A 87 -9.63 -5.79 18.60
C VAL A 87 -8.32 -5.00 18.60
N TYR A 88 -8.23 -3.94 17.79
CA TYR A 88 -7.01 -3.16 17.75
C TYR A 88 -6.78 -2.51 19.10
N ASP A 89 -5.52 -2.46 19.53
CA ASP A 89 -5.18 -1.84 20.81
C ASP A 89 -5.68 -0.39 20.84
N GLY A 90 -6.22 0.02 21.98
CA GLY A 90 -6.70 1.38 22.12
C GLY A 90 -8.13 1.61 21.68
N ILE A 91 -8.68 0.72 20.87
CA ILE A 91 -10.05 0.90 20.37
C ILE A 91 -11.13 1.01 21.44
N GLU A 92 -11.19 0.07 22.38
CA GLU A 92 -12.22 0.19 23.40
C GLU A 92 -12.05 1.48 24.19
N ALA A 93 -10.81 1.84 24.50
CA ALA A 93 -10.54 3.09 25.23
C ALA A 93 -11.13 4.26 24.42
N LEU A 94 -10.90 4.23 23.11
CA LEU A 94 -11.42 5.26 22.20
C LEU A 94 -12.94 5.35 22.28
N LEU A 95 -13.61 4.22 22.10
CA LEU A 95 -15.07 4.15 22.14
C LEU A 95 -15.62 4.68 23.45
N SER A 96 -15.01 4.28 24.56
CA SER A 96 -15.48 4.74 25.87
C SER A 96 -15.35 6.26 25.94
N SER A 97 -14.16 6.77 25.64
CA SER A 97 -13.91 8.21 25.67
C SER A 97 -14.91 8.99 24.82
N LEU A 98 -15.19 8.51 23.61
CA LEU A 98 -16.12 9.20 22.73
C LEU A 98 -17.55 9.26 23.29
N LYS A 99 -18.04 8.15 23.85
CA LYS A 99 -19.40 8.17 24.39
C LYS A 99 -19.45 9.08 25.61
N ASP A 100 -18.34 9.23 26.29
CA ASP A 100 -18.31 10.10 27.47
C ASP A 100 -18.52 11.53 26.96
N TYR A 101 -17.83 11.87 25.89
CA TYR A 101 -17.95 13.19 25.28
C TYR A 101 -19.38 13.44 24.82
N GLY A 102 -20.14 12.38 24.62
CA GLY A 102 -21.52 12.53 24.19
C GLY A 102 -21.79 12.11 22.75
N PHE A 103 -20.75 11.65 22.05
CA PHE A 103 -20.89 11.19 20.67
C PHE A 103 -21.79 9.96 20.60
N HIS A 104 -22.54 9.84 19.51
CA HIS A 104 -23.38 8.66 19.28
C HIS A 104 -22.56 7.87 18.27
N LEU A 105 -22.24 6.61 18.60
CA LEU A 105 -21.39 5.78 17.74
C LEU A 105 -22.19 4.77 16.93
N VAL A 106 -21.84 4.60 15.66
CA VAL A 106 -22.53 3.68 14.77
C VAL A 106 -21.56 2.88 13.93
N VAL A 107 -21.87 1.61 13.67
CA VAL A 107 -21.02 0.81 12.81
C VAL A 107 -21.72 0.77 11.45
N ALA A 108 -20.99 1.11 10.41
CA ALA A 108 -21.51 1.09 9.06
C ALA A 108 -20.49 0.25 8.29
N THR A 109 -20.86 -0.98 7.96
CA THR A 109 -19.93 -1.90 7.31
C THR A 109 -20.52 -2.73 6.17
N SER A 110 -19.67 -3.16 5.24
CA SER A 110 -20.12 -4.02 4.14
C SER A 110 -20.20 -5.45 4.68
N LYS A 111 -19.64 -5.68 5.86
CA LYS A 111 -19.69 -7.02 6.43
C LYS A 111 -21.15 -7.31 6.80
N PRO A 112 -21.60 -8.58 6.63
CA PRO A 112 -23.00 -8.85 6.99
C PRO A 112 -23.30 -8.43 8.44
N THR A 113 -24.48 -7.84 8.65
CA THR A 113 -24.91 -7.40 9.97
C THR A 113 -24.91 -8.53 11.00
N VAL A 114 -25.36 -9.71 10.58
CA VAL A 114 -25.43 -10.84 11.49
C VAL A 114 -24.07 -11.21 12.06
N PHE A 115 -23.04 -11.21 11.22
CA PHE A 115 -21.69 -11.52 11.68
C PHE A 115 -21.11 -10.36 12.49
N SER A 116 -21.32 -9.13 12.01
CA SER A 116 -20.80 -7.95 12.70
C SER A 116 -21.30 -7.86 14.13
N LYS A 117 -22.58 -8.17 14.34
CA LYS A 117 -23.17 -8.14 15.67
C LYS A 117 -22.55 -9.22 16.57
N GLN A 118 -22.44 -10.45 16.05
CA GLN A 118 -21.86 -11.55 16.81
C GLN A 118 -20.45 -11.23 17.25
N ILE A 119 -19.68 -10.65 16.32
CA ILE A 119 -18.30 -10.28 16.58
C ILE A 119 -18.18 -9.19 17.63
N LEU A 120 -18.94 -8.11 17.47
CA LEU A 120 -18.87 -6.99 18.43
C LEU A 120 -19.36 -7.40 19.82
N GLU A 121 -20.34 -8.29 19.89
CA GLU A 121 -20.83 -8.76 21.18
C GLU A 121 -19.78 -9.71 21.74
N HIS A 122 -19.22 -10.55 20.88
CA HIS A 122 -18.19 -11.49 21.31
C HIS A 122 -17.03 -10.74 21.95
N PHE A 123 -16.68 -9.60 21.38
CA PHE A 123 -15.59 -8.79 21.90
C PHE A 123 -16.01 -7.80 22.99
N LYS A 124 -17.28 -7.83 23.35
CA LYS A 124 -17.83 -6.97 24.41
C LYS A 124 -17.79 -5.47 24.12
N LEU A 125 -17.95 -5.11 22.86
CA LEU A 125 -17.93 -3.70 22.46
C LEU A 125 -19.29 -3.28 21.92
N ALA A 126 -20.22 -4.23 21.80
CA ALA A 126 -21.52 -3.95 21.22
C ALA A 126 -22.33 -2.78 21.81
N PHE A 127 -22.33 -2.65 23.12
CA PHE A 127 -23.12 -1.59 23.75
C PHE A 127 -22.60 -0.17 23.61
N TYR A 128 -21.39 -0.03 23.07
CA TYR A 128 -20.83 1.30 22.85
C TYR A 128 -21.53 1.93 21.65
N PHE A 129 -22.21 1.09 20.88
CA PHE A 129 -22.86 1.54 19.65
C PHE A 129 -24.36 1.72 19.71
N ASP A 130 -24.83 2.77 19.03
CA ASP A 130 -26.26 3.07 18.93
C ASP A 130 -26.88 2.12 17.92
N ALA A 131 -26.08 1.68 16.95
CA ALA A 131 -26.57 0.75 15.95
C ALA A 131 -25.39 0.10 15.25
N ILE A 132 -25.59 -1.11 14.73
CA ILE A 132 -24.57 -1.84 14.00
C ILE A 132 -25.25 -2.18 12.69
N VAL A 133 -24.92 -1.43 11.66
CA VAL A 133 -25.54 -1.60 10.36
C VAL A 133 -24.60 -2.23 9.35
N GLY A 134 -24.91 -3.47 8.97
CA GLY A 134 -24.08 -4.17 8.01
C GLY A 134 -24.87 -4.53 6.77
N SER A 135 -24.28 -5.37 5.94
CA SER A 135 -24.95 -5.79 4.71
C SER A 135 -25.92 -6.93 5.04
N SER A 136 -26.78 -7.25 4.09
CA SER A 136 -27.70 -8.36 4.27
C SER A 136 -26.97 -9.55 3.68
N LEU A 137 -27.12 -10.72 4.28
CA LEU A 137 -26.45 -11.91 3.77
C LEU A 137 -26.63 -12.10 2.26
N ASP A 138 -27.76 -11.68 1.72
CA ASP A 138 -28.00 -11.83 0.27
C ASP A 138 -27.33 -10.78 -0.60
N GLY A 139 -26.63 -9.83 0.03
CA GLY A 139 -25.95 -8.81 -0.75
C GLY A 139 -26.79 -7.74 -1.42
N LYS A 140 -28.09 -7.73 -1.17
CA LYS A 140 -28.96 -6.70 -1.76
C LYS A 140 -28.54 -5.32 -1.27
N LEU A 141 -28.11 -5.28 -0.01
CA LEU A 141 -27.63 -4.05 0.61
C LEU A 141 -26.23 -4.41 1.06
N SER A 142 -25.20 -3.88 0.39
CA SER A 142 -23.84 -4.23 0.77
C SER A 142 -22.71 -3.26 0.46
N THR A 143 -22.86 -2.38 -0.53
CA THR A 143 -21.75 -1.45 -0.80
C THR A 143 -21.67 -0.44 0.33
N LYS A 144 -20.48 0.11 0.54
CA LYS A 144 -20.26 1.08 1.61
C LYS A 144 -21.22 2.26 1.51
N GLU A 145 -21.40 2.77 0.30
CA GLU A 145 -22.31 3.89 0.09
C GLU A 145 -23.73 3.54 0.53
N ASP A 146 -24.20 2.37 0.13
CA ASP A 146 -25.56 1.96 0.47
C ASP A 146 -25.79 1.67 1.95
N VAL A 147 -24.80 1.12 2.65
CA VAL A 147 -24.97 0.82 4.06
C VAL A 147 -24.92 2.11 4.89
N ILE A 148 -24.03 3.02 4.51
CA ILE A 148 -23.94 4.29 5.23
C ILE A 148 -25.27 5.04 5.05
N ARG A 149 -25.77 5.06 3.83
CA ARG A 149 -27.02 5.76 3.53
C ARG A 149 -28.19 5.18 4.32
N TYR A 150 -28.24 3.86 4.43
CA TYR A 150 -29.31 3.20 5.18
C TYR A 150 -29.15 3.46 6.67
N ALA A 151 -27.92 3.45 7.15
CA ALA A 151 -27.67 3.70 8.57
C ALA A 151 -28.12 5.12 8.92
N MSE A 152 -27.77 6.08 8.07
CA MSE A 152 -28.15 7.45 8.29
C MSE A 152 -29.67 7.58 8.23
O MSE A 152 -30.28 8.22 9.09
CB MSE A 152 -27.46 8.35 7.25
CG MSE A 152 -25.95 8.39 7.43
SE MSE A 152 -25.05 9.51 6.13
CE MSE A 152 -25.55 11.25 6.85
N GLU A 153 -30.29 6.96 7.23
CA GLU A 153 -31.74 6.99 7.10
C GLU A 153 -32.41 6.38 8.33
N SER A 154 -31.89 5.25 8.80
CA SER A 154 -32.44 4.55 9.95
C SER A 154 -32.37 5.32 11.26
N LEU A 155 -31.30 6.08 11.44
CA LEU A 155 -31.10 6.86 12.65
C LEU A 155 -31.41 8.34 12.45
N ASN A 156 -31.84 8.69 11.24
CA ASN A 156 -32.15 10.06 10.89
C ASN A 156 -30.96 10.99 11.17
N ILE A 157 -29.81 10.60 10.62
CA ILE A 157 -28.56 11.33 10.78
C ILE A 157 -28.38 12.24 9.55
N LYS A 158 -28.04 13.49 9.80
CA LYS A 158 -27.81 14.45 8.71
C LYS A 158 -26.33 14.49 8.37
N SER A 159 -26.04 14.81 7.11
CA SER A 159 -24.68 14.88 6.62
C SER A 159 -23.77 15.84 7.38
N ASP A 160 -24.36 16.88 7.98
CA ASP A 160 -23.59 17.86 8.71
C ASP A 160 -23.49 17.51 10.19
N ASP A 161 -23.88 16.30 10.55
CA ASP A 161 -23.84 15.87 11.94
C ASP A 161 -23.13 14.53 12.13
N ALA A 162 -22.31 14.14 11.15
CA ALA A 162 -21.61 12.87 11.25
C ALA A 162 -20.38 12.79 10.38
N ILE A 163 -19.48 11.86 10.74
CA ILE A 163 -18.26 11.62 9.99
C ILE A 163 -18.11 10.11 9.83
N MSE A 164 -17.30 9.69 8.85
CA MSE A 164 -17.08 8.27 8.60
C MSE A 164 -15.61 7.92 8.84
O MSE A 164 -14.72 8.61 8.35
CB MSE A 164 -17.47 7.94 7.16
CG MSE A 164 -17.20 6.51 6.73
SE MSE A 164 -18.23 5.22 7.73
CE MSE A 164 -17.23 3.60 7.25
N ILE A 165 -15.36 6.86 9.61
CA ILE A 165 -14.00 6.41 9.88
C ILE A 165 -13.79 5.06 9.19
N GLY A 166 -12.75 4.95 8.38
CA GLY A 166 -12.46 3.71 7.67
C GLY A 166 -10.99 3.60 7.30
N ASP A 167 -10.57 2.42 6.83
CA ASP A 167 -9.18 2.18 6.46
C ASP A 167 -8.92 2.02 4.95
N ARG A 168 -9.99 1.91 4.17
CA ARG A 168 -9.86 1.72 2.73
C ARG A 168 -10.49 2.83 1.90
N GLU A 169 -10.11 2.89 0.63
CA GLU A 169 -10.65 3.89 -0.29
C GLU A 169 -12.15 3.75 -0.40
N TYR A 170 -12.66 2.53 -0.22
CA TYR A 170 -14.09 2.25 -0.29
C TYR A 170 -14.85 3.04 0.77
N ASP A 171 -14.21 3.21 1.92
CA ASP A 171 -14.83 3.96 3.00
C ASP A 171 -14.89 5.45 2.64
N VAL A 172 -13.82 5.95 2.03
CA VAL A 172 -13.77 7.36 1.63
C VAL A 172 -14.83 7.62 0.56
N ILE A 173 -14.88 6.75 -0.45
CA ILE A 173 -15.84 6.88 -1.53
C ILE A 173 -17.27 6.80 -0.99
N GLY A 174 -17.51 5.85 -0.09
CA GLY A 174 -18.83 5.69 0.50
C GLY A 174 -19.24 6.91 1.31
N ALA A 175 -18.27 7.52 1.98
CA ALA A 175 -18.52 8.71 2.79
C ALA A 175 -18.82 9.89 1.87
N LEU A 176 -17.98 10.08 0.86
CA LEU A 176 -18.17 11.17 -0.08
C LEU A 176 -19.56 11.09 -0.70
N LYS A 177 -19.96 9.90 -1.12
CA LYS A 177 -21.26 9.69 -1.74
C LYS A 177 -22.45 10.00 -0.84
N ASN A 178 -22.19 10.14 0.46
CA ASN A 178 -23.23 10.45 1.43
C ASN A 178 -22.96 11.83 2.02
N ASN A 179 -22.07 12.58 1.37
CA ASN A 179 -21.72 13.91 1.82
C ASN A 179 -21.18 13.98 3.23
N LEU A 180 -20.38 12.99 3.59
CA LEU A 180 -19.80 12.94 4.91
C LEU A 180 -18.30 13.07 4.87
N PRO A 181 -17.73 13.82 5.82
CA PRO A 181 -16.27 13.94 5.82
C PRO A 181 -15.78 12.57 6.28
N SER A 182 -14.56 12.23 5.92
CA SER A 182 -14.02 10.94 6.31
C SER A 182 -12.63 11.05 6.90
N ILE A 183 -12.35 10.20 7.87
CA ILE A 183 -11.04 10.11 8.48
C ILE A 183 -10.56 8.71 8.10
N GLY A 184 -9.47 8.64 7.35
CA GLY A 184 -8.94 7.35 6.97
C GLY A 184 -7.85 6.98 7.95
N VAL A 185 -7.76 5.70 8.32
CA VAL A 185 -6.72 5.26 9.24
C VAL A 185 -5.79 4.33 8.48
N THR A 186 -4.49 4.43 8.76
CA THR A 186 -3.51 3.60 8.07
C THR A 186 -3.02 2.38 8.85
N TYR A 187 -3.55 2.18 10.05
CA TYR A 187 -3.15 1.01 10.83
C TYR A 187 -3.93 -0.21 10.39
N GLY A 188 -4.80 -0.01 9.41
CA GLY A 188 -5.63 -1.11 8.92
C GLY A 188 -5.09 -1.76 7.66
N PHE A 189 -5.96 -1.99 6.69
CA PHE A 189 -5.53 -2.65 5.47
C PHE A 189 -5.44 -1.73 4.26
N GLY A 190 -5.46 -0.42 4.51
CA GLY A 190 -5.34 0.56 3.45
C GLY A 190 -4.07 1.35 3.69
N SER A 191 -3.50 1.94 2.64
CA SER A 191 -2.28 2.73 2.82
C SER A 191 -2.57 4.21 2.79
N TYR A 192 -1.63 5.00 3.28
CA TYR A 192 -1.79 6.46 3.26
C TYR A 192 -2.10 6.91 1.83
N GLU A 193 -1.30 6.42 0.89
CA GLU A 193 -1.43 6.74 -0.52
C GLU A 193 -2.80 6.33 -1.08
N GLU A 194 -3.29 5.16 -0.68
CA GLU A 194 -4.59 4.69 -1.12
C GLU A 194 -5.68 5.66 -0.67
N LEU A 195 -5.60 6.07 0.60
CA LEU A 195 -6.58 6.97 1.17
C LEU A 195 -6.48 8.39 0.64
N LYS A 196 -5.26 8.87 0.43
CA LYS A 196 -5.04 10.22 -0.07
C LYS A 196 -5.62 10.35 -1.49
N ASN A 197 -5.34 9.37 -2.34
CA ASN A 197 -5.83 9.39 -3.72
C ASN A 197 -7.33 9.12 -3.83
N ALA A 198 -7.91 8.60 -2.76
CA ALA A 198 -9.34 8.32 -2.74
C ALA A 198 -10.05 9.61 -2.39
N GLY A 199 -9.34 10.51 -1.73
CA GLY A 199 -9.91 11.78 -1.35
C GLY A 199 -10.18 11.90 0.13
N ALA A 200 -9.65 10.98 0.92
CA ALA A 200 -9.87 10.99 2.36
C ALA A 200 -9.75 12.43 2.86
N ASN A 201 -10.72 12.86 3.66
CA ASN A 201 -10.71 14.22 4.17
C ASN A 201 -9.74 14.39 5.33
N TYR A 202 -9.38 13.29 5.99
CA TYR A 202 -8.44 13.30 7.11
C TYR A 202 -7.75 11.94 7.13
N ILE A 203 -6.47 11.90 7.51
CA ILE A 203 -5.72 10.63 7.56
C ILE A 203 -4.84 10.51 8.80
N VAL A 204 -5.04 9.43 9.56
CA VAL A 204 -4.26 9.19 10.78
C VAL A 204 -3.60 7.82 10.77
N ASN A 205 -2.50 7.70 11.51
CA ASN A 205 -1.75 6.45 11.55
C ASN A 205 -1.90 5.61 12.82
N SER A 206 -2.70 6.08 13.77
CA SER A 206 -2.90 5.34 15.01
C SER A 206 -4.26 5.67 15.62
N VAL A 207 -4.70 4.83 16.55
CA VAL A 207 -5.97 5.03 17.22
C VAL A 207 -5.94 6.30 18.05
N ASP A 208 -4.79 6.64 18.63
CA ASP A 208 -4.70 7.85 19.43
C ASP A 208 -4.82 9.07 18.52
N GLU A 209 -4.20 9.00 17.35
CA GLU A 209 -4.27 10.08 16.38
C GLU A 209 -5.73 10.23 15.92
N LEU A 210 -6.41 9.10 15.83
CA LEU A 210 -7.81 9.06 15.43
C LEU A 210 -8.65 9.79 16.49
N HIS A 211 -8.37 9.50 17.75
CA HIS A 211 -9.08 10.12 18.85
C HIS A 211 -8.96 11.64 18.76
N LYS A 212 -7.73 12.13 18.66
CA LYS A 212 -7.46 13.56 18.58
C LYS A 212 -8.18 14.23 17.43
N LYS A 213 -8.10 13.60 16.25
CA LYS A 213 -8.73 14.12 15.04
C LYS A 213 -10.25 14.21 15.13
N ILE A 214 -10.88 13.21 15.74
CA ILE A 214 -12.32 13.23 15.87
C ILE A 214 -12.75 14.47 16.65
N LEU A 215 -12.01 14.76 17.71
CA LEU A 215 -12.31 15.91 18.54
C LEU A 215 -12.08 17.23 17.83
N GLU A 216 -10.86 17.50 17.38
CA GLU A 216 -10.61 18.77 16.73
C GLU A 216 -11.42 18.97 15.46
N LEU A 217 -12.28 18.01 15.14
CA LEU A 217 -13.14 18.13 13.97
C LEU A 217 -14.45 18.79 14.36
N TYR B 4 20.28 -13.80 7.23
CA TYR B 4 20.32 -12.53 6.43
C TYR B 4 20.55 -11.35 7.36
N ASN B 5 21.58 -10.55 7.07
CA ASN B 5 21.90 -9.37 7.89
C ASN B 5 21.84 -8.09 7.07
N TYR B 6 21.84 -8.25 5.75
CA TYR B 6 21.79 -7.11 4.84
C TYR B 6 20.51 -7.04 4.03
N VAL B 7 19.97 -5.83 3.90
CA VAL B 7 18.76 -5.61 3.13
C VAL B 7 19.05 -4.48 2.16
N LEU B 8 19.06 -4.78 0.86
CA LEU B 8 19.31 -3.76 -0.16
C LEU B 8 17.99 -3.23 -0.66
N PHE B 9 17.93 -1.92 -0.88
CA PHE B 9 16.71 -1.24 -1.35
C PHE B 9 16.95 -0.42 -2.61
N ASP B 10 15.98 -0.43 -3.51
CA ASP B 10 16.09 0.41 -4.68
C ASP B 10 15.58 1.75 -4.10
N LEU B 11 15.72 2.85 -4.82
CA LEU B 11 15.28 4.14 -4.33
C LEU B 11 13.91 4.54 -4.88
N ASP B 12 13.87 4.91 -6.16
CA ASP B 12 12.62 5.30 -6.81
C ASP B 12 11.64 4.15 -6.82
N GLY B 13 10.41 4.40 -6.39
CA GLY B 13 9.40 3.37 -6.39
C GLY B 13 9.47 2.36 -5.26
N THR B 14 10.41 2.54 -4.35
CA THR B 14 10.55 1.62 -3.22
C THR B 14 10.60 2.43 -1.93
N LEU B 15 11.44 3.46 -1.93
CA LEU B 15 11.59 4.33 -0.79
C LEU B 15 10.90 5.67 -1.03
N THR B 16 10.93 6.14 -2.28
CA THR B 16 10.32 7.41 -2.62
C THR B 16 9.44 7.36 -3.87
N ASP B 17 8.34 8.13 -3.81
CA ASP B 17 7.44 8.24 -4.95
C ASP B 17 8.01 9.47 -5.66
N SER B 18 8.92 9.20 -6.60
CA SER B 18 9.61 10.25 -7.34
C SER B 18 9.16 10.42 -8.79
N ALA B 19 8.08 9.74 -9.15
CA ALA B 19 7.56 9.77 -10.51
C ALA B 19 7.30 11.16 -11.08
N GLU B 20 6.80 12.08 -10.27
CA GLU B 20 6.51 13.40 -10.80
C GLU B 20 7.74 14.10 -11.38
N GLY B 21 8.79 14.22 -10.57
CA GLY B 21 10.00 14.86 -11.03
C GLY B 21 10.70 14.14 -12.16
N ILE B 22 10.66 12.80 -12.12
CA ILE B 22 11.31 11.99 -13.14
C ILE B 22 10.59 12.09 -14.50
N THR B 23 9.27 11.90 -14.50
CA THR B 23 8.53 11.97 -15.74
C THR B 23 8.57 13.38 -16.34
N LYS B 24 8.61 14.40 -15.50
CA LYS B 24 8.66 15.77 -15.99
C LYS B 24 10.06 16.06 -16.55
N SER B 25 11.08 15.37 -16.03
CA SER B 25 12.43 15.56 -16.52
C SER B 25 12.51 14.90 -17.90
N VAL B 26 11.87 13.73 -18.02
CA VAL B 26 11.84 13.01 -19.28
C VAL B 26 11.05 13.78 -20.33
N LYS B 27 9.96 14.43 -19.92
CA LYS B 27 9.15 15.22 -20.83
C LYS B 27 9.97 16.42 -21.32
N TYR B 28 10.64 17.09 -20.38
CA TYR B 28 11.46 18.24 -20.72
C TYR B 28 12.47 17.89 -21.81
N SER B 29 13.10 16.72 -21.65
CA SER B 29 14.11 16.25 -22.59
C SER B 29 13.50 15.92 -23.95
N LEU B 30 12.50 15.05 -23.97
CA LEU B 30 11.83 14.68 -25.21
C LEU B 30 11.38 15.90 -26.01
N ASN B 31 10.85 16.92 -25.32
CA ASN B 31 10.39 18.12 -25.99
C ASN B 31 11.52 18.78 -26.78
N LYS B 32 12.76 18.51 -26.37
CA LYS B 32 13.92 19.08 -27.06
C LYS B 32 14.16 18.35 -28.37
N PHE B 33 13.48 17.22 -28.55
CA PHE B 33 13.59 16.43 -29.75
C PHE B 33 12.26 16.48 -30.48
N ASP B 34 11.52 17.55 -30.22
CA ASP B 34 10.22 17.76 -30.85
C ASP B 34 9.29 16.57 -30.66
N ILE B 35 9.39 15.93 -29.50
CA ILE B 35 8.53 14.80 -29.18
C ILE B 35 7.62 15.29 -28.06
N GLN B 36 6.33 15.44 -28.39
CA GLN B 36 5.35 15.91 -27.41
C GLN B 36 4.90 14.77 -26.53
N VAL B 37 4.55 15.08 -25.29
CA VAL B 37 4.11 14.05 -24.35
C VAL B 37 2.67 14.27 -23.89
N GLU B 38 1.79 13.36 -24.29
CA GLU B 38 0.38 13.39 -23.93
C GLU B 38 0.23 13.63 -22.43
N ASP B 39 0.25 12.54 -21.66
CA ASP B 39 0.15 12.63 -20.21
C ASP B 39 1.39 11.97 -19.61
N LEU B 40 1.89 12.58 -18.53
CA LEU B 40 3.08 12.10 -17.84
C LEU B 40 3.10 10.65 -17.39
N SER B 41 1.94 10.11 -16.98
CA SER B 41 1.91 8.73 -16.51
C SER B 41 2.40 7.74 -17.57
N SER B 42 2.39 8.14 -18.84
CA SER B 42 2.85 7.28 -19.91
C SER B 42 4.37 7.11 -19.83
N LEU B 43 5.02 8.01 -19.06
CA LEU B 43 6.48 7.97 -18.88
C LEU B 43 6.88 7.30 -17.55
N ASN B 44 5.91 6.73 -16.85
CA ASN B 44 6.20 6.05 -15.58
C ASN B 44 7.17 4.89 -15.82
N LYS B 45 7.19 4.36 -17.03
CA LYS B 45 8.07 3.25 -17.37
C LYS B 45 9.55 3.66 -17.26
N PHE B 46 9.82 4.96 -17.27
CA PHE B 46 11.19 5.45 -17.16
C PHE B 46 11.65 5.42 -15.70
N VAL B 47 10.72 5.25 -14.78
CA VAL B 47 11.07 5.23 -13.37
C VAL B 47 11.63 3.89 -12.92
N GLY B 48 12.94 3.86 -12.65
CA GLY B 48 13.57 2.63 -12.19
C GLY B 48 14.82 2.24 -12.95
N PRO B 49 14.69 1.83 -14.22
CA PRO B 49 15.84 1.41 -15.04
C PRO B 49 16.72 2.58 -15.50
N PRO B 50 17.92 2.26 -16.02
CA PRO B 50 18.83 3.29 -16.49
C PRO B 50 18.16 4.10 -17.62
N LEU B 51 18.38 5.40 -17.64
CA LEU B 51 17.78 6.27 -18.66
C LEU B 51 18.14 5.84 -20.09
N LYS B 52 19.42 5.53 -20.30
CA LYS B 52 19.90 5.10 -21.61
C LYS B 52 19.04 3.97 -22.19
N THR B 53 18.89 2.90 -21.44
CA THR B 53 18.09 1.78 -21.92
C THR B 53 16.67 2.24 -22.26
N SER B 54 16.15 3.23 -21.51
CA SER B 54 14.80 3.74 -21.74
C SER B 54 14.72 4.66 -22.96
N PHE B 55 15.51 5.73 -22.96
CA PHE B 55 15.52 6.68 -24.07
C PHE B 55 15.78 5.95 -25.36
N MSE B 56 16.73 5.03 -25.29
CA MSE B 56 17.14 4.25 -26.45
C MSE B 56 16.08 3.30 -26.95
O MSE B 56 15.78 3.26 -28.14
CB MSE B 56 18.39 3.48 -26.09
CG MSE B 56 19.39 3.39 -27.19
SE MSE B 56 20.98 2.71 -26.44
CE MSE B 56 21.73 4.36 -25.74
N GLU B 57 15.49 2.51 -26.04
CA GLU B 57 14.48 1.55 -26.44
C GLU B 57 13.13 2.14 -26.85
N TYR B 58 12.46 2.81 -25.91
CA TYR B 58 11.14 3.39 -26.16
C TYR B 58 11.06 4.45 -27.27
N TYR B 59 12.15 5.19 -27.47
CA TYR B 59 12.16 6.24 -28.48
C TYR B 59 13.11 6.00 -29.64
N ASN B 60 13.60 4.77 -29.74
CA ASN B 60 14.53 4.38 -30.79
C ASN B 60 15.65 5.39 -31.01
N PHE B 61 16.15 5.97 -29.93
CA PHE B 61 17.26 6.92 -29.99
C PHE B 61 18.51 6.05 -30.13
N ASP B 62 19.59 6.61 -30.66
CA ASP B 62 20.84 5.85 -30.78
C ASP B 62 21.70 6.25 -29.58
N GLU B 63 22.67 5.39 -29.26
CA GLU B 63 23.54 5.62 -28.11
C GLU B 63 23.96 7.06 -27.86
N GLU B 64 23.98 7.88 -28.91
CA GLU B 64 24.39 9.26 -28.74
C GLU B 64 23.28 10.28 -28.59
N THR B 65 22.13 10.01 -29.21
CA THR B 65 20.99 10.90 -29.07
C THR B 65 20.52 10.67 -27.65
N ALA B 66 20.67 9.43 -27.20
CA ALA B 66 20.26 9.02 -25.85
C ALA B 66 21.09 9.72 -24.78
N THR B 67 22.39 9.84 -25.03
CA THR B 67 23.28 10.50 -24.08
C THR B 67 22.89 11.97 -23.88
N VAL B 68 22.70 12.69 -24.99
CA VAL B 68 22.33 14.10 -24.90
C VAL B 68 20.92 14.24 -24.34
N ALA B 69 20.10 13.21 -24.54
CA ALA B 69 18.74 13.22 -24.04
C ALA B 69 18.84 13.18 -22.51
N ILE B 70 19.75 12.35 -22.01
CA ILE B 70 19.95 12.23 -20.58
C ILE B 70 20.40 13.57 -20.00
N ASP B 71 21.14 14.34 -20.78
CA ASP B 71 21.62 15.64 -20.31
C ASP B 71 20.53 16.70 -20.16
N TYR B 72 19.55 16.67 -21.05
CA TYR B 72 18.43 17.62 -20.96
C TYR B 72 17.65 17.23 -19.72
N TYR B 73 17.50 15.91 -19.55
CA TYR B 73 16.79 15.34 -18.41
C TYR B 73 17.38 15.89 -17.12
N ARG B 74 18.69 15.77 -16.97
CA ARG B 74 19.38 16.24 -15.77
C ARG B 74 19.31 17.75 -15.56
N ASP B 75 19.16 18.52 -16.65
CA ASP B 75 19.04 19.96 -16.51
C ASP B 75 17.79 20.24 -15.65
N TYR B 76 16.66 19.68 -16.09
CA TYR B 76 15.40 19.87 -15.38
C TYR B 76 15.45 19.13 -14.04
N PHE B 77 15.99 17.91 -14.04
CA PHE B 77 16.06 17.13 -12.81
C PHE B 77 16.76 17.89 -11.69
N LYS B 78 17.98 18.35 -11.95
CA LYS B 78 18.73 19.09 -10.94
C LYS B 78 18.04 20.41 -10.60
N ALA B 79 17.40 21.02 -11.59
CA ALA B 79 16.73 22.30 -11.40
C ALA B 79 15.40 22.20 -10.64
N LYS B 80 14.65 21.14 -10.87
CA LYS B 80 13.34 21.01 -10.22
C LYS B 80 12.85 19.58 -9.98
N GLY B 81 13.09 18.70 -10.94
CA GLY B 81 12.62 17.33 -10.82
C GLY B 81 13.05 16.55 -9.59
N MSE B 82 14.29 16.76 -9.17
CA MSE B 82 14.81 16.04 -8.01
C MSE B 82 13.95 16.13 -6.76
O MSE B 82 13.81 15.13 -6.03
CB MSE B 82 16.21 16.56 -7.68
CG MSE B 82 16.82 15.91 -6.45
SE MSE B 82 18.65 16.48 -6.24
CE MSE B 82 19.48 15.27 -7.47
N PHE B 83 13.35 17.29 -6.50
CA PHE B 83 12.53 17.43 -5.31
C PHE B 83 11.01 17.44 -5.50
N GLU B 84 10.56 17.04 -6.69
CA GLU B 84 9.14 16.89 -6.96
C GLU B 84 9.15 15.39 -6.63
N ASN B 85 9.26 15.12 -5.34
CA ASN B 85 9.43 13.76 -4.88
C ASN B 85 9.00 13.69 -3.43
N LYS B 86 8.62 12.49 -2.96
CA LYS B 86 8.23 12.34 -1.57
C LYS B 86 8.42 10.91 -1.10
N VAL B 87 8.69 10.76 0.20
CA VAL B 87 8.90 9.45 0.80
C VAL B 87 7.58 8.73 1.03
N TYR B 88 7.53 7.44 0.70
CA TYR B 88 6.30 6.67 0.91
C TYR B 88 6.02 6.67 2.41
N ASP B 89 4.75 6.79 2.77
CA ASP B 89 4.34 6.82 4.16
C ASP B 89 4.85 5.61 4.94
N GLY B 90 5.45 5.87 6.10
CA GLY B 90 5.94 4.80 6.94
C GLY B 90 7.31 4.23 6.58
N ILE B 91 7.99 4.80 5.60
CA ILE B 91 9.30 4.31 5.23
C ILE B 91 10.35 4.49 6.33
N GLU B 92 10.43 5.67 6.91
CA GLU B 92 11.41 5.91 7.96
C GLU B 92 11.18 4.98 9.15
N ALA B 93 9.92 4.74 9.49
CA ALA B 93 9.62 3.86 10.60
C ALA B 93 10.16 2.47 10.27
N LEU B 94 9.98 2.05 9.02
CA LEU B 94 10.47 0.75 8.58
C LEU B 94 12.00 0.67 8.72
N LEU B 95 12.68 1.70 8.22
CA LEU B 95 14.14 1.72 8.27
C LEU B 95 14.63 1.74 9.72
N SER B 96 14.03 2.62 10.52
CA SER B 96 14.39 2.76 11.92
C SER B 96 14.22 1.42 12.64
N SER B 97 13.09 0.76 12.40
CA SER B 97 12.81 -0.53 13.02
C SER B 97 13.80 -1.61 12.60
N LEU B 98 14.07 -1.72 11.31
CA LEU B 98 15.01 -2.72 10.83
C LEU B 98 16.40 -2.51 11.44
N LYS B 99 16.81 -1.26 11.59
CA LYS B 99 18.12 -0.98 12.17
C LYS B 99 18.15 -1.35 13.65
N ASP B 100 17.00 -1.25 14.32
CA ASP B 100 16.93 -1.61 15.73
C ASP B 100 17.06 -3.13 15.84
N TYR B 101 16.49 -3.83 14.87
CA TYR B 101 16.54 -5.28 14.85
C TYR B 101 17.95 -5.78 14.57
N GLY B 102 18.81 -4.87 14.11
CA GLY B 102 20.18 -5.23 13.82
C GLY B 102 20.52 -5.45 12.35
N PHE B 103 19.61 -5.04 11.47
CA PHE B 103 19.85 -5.19 10.03
C PHE B 103 20.78 -4.10 9.53
N HIS B 104 21.54 -4.42 8.49
CA HIS B 104 22.44 -3.44 7.87
C HIS B 104 21.74 -3.06 6.58
N LEU B 105 21.41 -1.78 6.45
CA LEU B 105 20.69 -1.32 5.27
C LEU B 105 21.58 -0.69 4.20
N VAL B 106 21.25 -1.01 2.94
CA VAL B 106 22.00 -0.53 1.79
C VAL B 106 21.09 -0.14 0.61
N VAL B 107 21.43 0.93 -0.09
CA VAL B 107 20.67 1.34 -1.26
C VAL B 107 21.48 0.95 -2.49
N ALA B 108 20.84 0.24 -3.40
CA ALA B 108 21.45 -0.23 -4.64
C ALA B 108 20.46 0.23 -5.73
N THR B 109 20.83 1.29 -6.44
CA THR B 109 19.95 1.87 -7.47
C THR B 109 20.65 2.21 -8.79
N SER B 110 19.88 2.23 -9.88
CA SER B 110 20.45 2.57 -11.19
C SER B 110 20.52 4.10 -11.28
N LYS B 111 19.97 4.76 -10.28
CA LYS B 111 19.99 6.22 -10.23
C LYS B 111 21.41 6.65 -9.87
N PRO B 112 21.90 7.74 -10.48
CA PRO B 112 23.27 8.18 -10.15
C PRO B 112 23.45 8.32 -8.64
N THR B 113 24.59 7.83 -8.12
CA THR B 113 24.86 7.92 -6.70
C THR B 113 24.75 9.35 -6.18
N VAL B 114 25.31 10.30 -6.91
CA VAL B 114 25.30 11.70 -6.48
C VAL B 114 23.88 12.22 -6.22
N PHE B 115 22.94 11.88 -7.10
CA PHE B 115 21.55 12.32 -6.91
C PHE B 115 20.87 11.58 -5.74
N SER B 116 21.06 10.26 -5.69
CA SER B 116 20.46 9.43 -4.64
C SER B 116 20.88 9.91 -3.25
N LYS B 117 22.16 10.25 -3.14
CA LYS B 117 22.74 10.74 -1.91
C LYS B 117 22.12 12.09 -1.51
N GLN B 118 21.96 13.00 -2.46
CA GLN B 118 21.38 14.31 -2.14
C GLN B 118 19.92 14.18 -1.74
N ILE B 119 19.22 13.26 -2.39
CA ILE B 119 17.81 13.02 -2.11
C ILE B 119 17.57 12.39 -0.74
N LEU B 120 18.31 11.33 -0.43
CA LEU B 120 18.15 10.66 0.85
C LEU B 120 18.59 11.53 2.04
N GLU B 121 19.52 12.44 1.79
CA GLU B 121 19.98 13.36 2.83
C GLU B 121 18.92 14.45 2.98
N HIS B 122 18.35 14.87 1.86
CA HIS B 122 17.31 15.88 1.86
C HIS B 122 16.14 15.38 2.71
N PHE B 123 15.83 14.09 2.58
CA PHE B 123 14.74 13.50 3.33
C PHE B 123 15.20 12.94 4.68
N LYS B 124 16.44 13.21 5.04
CA LYS B 124 17.01 12.76 6.30
C LYS B 124 16.92 11.26 6.51
N LEU B 125 17.07 10.47 5.44
CA LEU B 125 17.01 9.02 5.58
C LEU B 125 18.38 8.39 5.33
N ALA B 126 19.27 9.16 4.71
CA ALA B 126 20.61 8.69 4.37
C ALA B 126 21.36 8.00 5.51
N PHE B 127 21.24 8.53 6.72
CA PHE B 127 21.96 7.98 7.86
C PHE B 127 21.54 6.57 8.27
N TYR B 128 20.46 6.07 7.70
CA TYR B 128 19.99 4.72 8.01
C TYR B 128 20.73 3.66 7.20
N PHE B 129 21.51 4.11 6.22
CA PHE B 129 22.22 3.19 5.35
C PHE B 129 23.72 3.09 5.57
N ASP B 130 24.22 1.86 5.45
CA ASP B 130 25.66 1.57 5.59
C ASP B 130 26.33 2.16 4.35
N ALA B 131 25.59 2.20 3.26
CA ALA B 131 26.10 2.73 2.00
C ALA B 131 24.95 2.98 1.01
N ILE B 132 25.17 3.93 0.11
CA ILE B 132 24.18 4.27 -0.91
C ILE B 132 24.93 4.12 -2.23
N VAL B 133 24.68 3.01 -2.92
CA VAL B 133 25.39 2.73 -4.16
C VAL B 133 24.51 2.91 -5.38
N GLY B 134 24.85 3.93 -6.18
CA GLY B 134 24.10 4.21 -7.39
C GLY B 134 24.99 4.08 -8.61
N SER B 135 24.51 4.59 -9.74
CA SER B 135 25.28 4.53 -10.95
C SER B 135 26.22 5.73 -11.04
N SER B 136 27.17 5.66 -11.97
CA SER B 136 28.08 6.76 -12.20
C SER B 136 27.36 7.63 -13.22
N LEU B 137 27.58 8.93 -13.20
CA LEU B 137 26.89 9.80 -14.16
C LEU B 137 27.14 9.39 -15.61
N ASP B 138 28.34 8.91 -15.92
CA ASP B 138 28.66 8.52 -17.30
C ASP B 138 27.99 7.21 -17.71
N GLY B 139 27.37 6.53 -16.75
CA GLY B 139 26.69 5.29 -17.05
C GLY B 139 27.49 4.01 -17.16
N LYS B 140 28.82 4.07 -16.98
CA LYS B 140 29.65 2.87 -17.09
C LYS B 140 29.20 1.80 -16.09
N LEU B 141 28.68 2.26 -14.96
CA LEU B 141 28.16 1.38 -13.93
C LEU B 141 26.72 1.87 -13.77
N SER B 142 25.74 1.07 -14.20
CA SER B 142 24.35 1.51 -14.12
C SER B 142 23.26 0.44 -14.08
N THR B 143 23.46 -0.70 -14.72
CA THR B 143 22.43 -1.73 -14.69
C THR B 143 22.28 -2.22 -13.26
N LYS B 144 21.06 -2.59 -12.89
CA LYS B 144 20.79 -3.07 -11.55
C LYS B 144 21.74 -4.20 -11.17
N GLU B 145 21.98 -5.10 -12.13
CA GLU B 145 22.87 -6.24 -11.90
C GLU B 145 24.23 -5.74 -11.43
N ASP B 146 24.82 -4.83 -12.21
CA ASP B 146 26.15 -4.31 -11.88
C ASP B 146 26.23 -3.49 -10.59
N VAL B 147 25.22 -2.68 -10.32
CA VAL B 147 25.24 -1.86 -9.09
C VAL B 147 25.07 -2.75 -7.85
N ILE B 148 24.22 -3.76 -7.95
CA ILE B 148 24.05 -4.66 -6.82
C ILE B 148 25.39 -5.36 -6.58
N ARG B 149 25.99 -5.83 -7.66
CA ARG B 149 27.27 -6.54 -7.55
C ARG B 149 28.36 -5.62 -6.97
N TYR B 150 28.41 -4.39 -7.45
CA TYR B 150 29.42 -3.45 -6.95
C TYR B 150 29.19 -3.15 -5.48
N ALA B 151 27.92 -3.05 -5.08
CA ALA B 151 27.59 -2.78 -3.69
C ALA B 151 28.03 -3.94 -2.80
N MSE B 152 27.82 -5.16 -3.28
CA MSE B 152 28.21 -6.34 -2.51
C MSE B 152 29.73 -6.47 -2.45
O MSE B 152 30.28 -6.80 -1.41
CB MSE B 152 27.58 -7.59 -3.13
CG MSE B 152 26.08 -7.71 -2.90
SE MSE B 152 25.34 -9.13 -3.97
CE MSE B 152 25.67 -10.62 -2.77
N GLU B 153 30.41 -6.20 -3.56
CA GLU B 153 31.86 -6.25 -3.60
C GLU B 153 32.45 -5.20 -2.65
N SER B 154 31.85 -4.01 -2.62
CA SER B 154 32.33 -2.91 -1.79
C SER B 154 32.09 -3.06 -0.29
N LEU B 155 31.07 -3.83 0.08
CA LEU B 155 30.79 -4.03 1.49
C LEU B 155 31.10 -5.46 1.90
N ASN B 156 31.62 -6.24 0.97
CA ASN B 156 31.96 -7.63 1.21
C ASN B 156 30.73 -8.36 1.74
N ILE B 157 29.62 -8.25 1.01
CA ILE B 157 28.39 -8.92 1.39
C ILE B 157 28.32 -10.21 0.59
N LYS B 158 27.88 -11.28 1.24
CA LYS B 158 27.75 -12.56 0.56
C LYS B 158 26.28 -12.76 0.18
N SER B 159 26.04 -13.44 -0.93
CA SER B 159 24.67 -13.66 -1.42
C SER B 159 23.71 -14.34 -0.45
N ASP B 160 24.25 -15.07 0.52
CA ASP B 160 23.40 -15.76 1.49
C ASP B 160 23.26 -14.93 2.76
N ASP B 161 23.55 -13.64 2.67
CA ASP B 161 23.44 -12.76 3.82
C ASP B 161 22.66 -11.49 3.47
N ALA B 162 22.02 -11.47 2.31
CA ALA B 162 21.27 -10.29 1.89
C ALA B 162 20.04 -10.58 1.02
N ILE B 163 19.16 -9.58 0.96
CA ILE B 163 17.94 -9.65 0.14
C ILE B 163 17.77 -8.32 -0.59
N MSE B 164 17.11 -8.36 -1.73
CA MSE B 164 16.88 -7.17 -2.54
C MSE B 164 15.42 -6.73 -2.55
O MSE B 164 14.53 -7.55 -2.79
CB MSE B 164 17.33 -7.41 -3.99
CG MSE B 164 17.09 -6.23 -4.92
SE MSE B 164 18.19 -4.69 -4.48
CE MSE B 164 16.89 -3.51 -3.74
N ILE B 165 15.17 -5.44 -2.32
CA ILE B 165 13.81 -4.90 -2.30
C ILE B 165 13.62 -3.90 -3.45
N GLY B 166 12.63 -4.14 -4.31
CA GLY B 166 12.38 -3.25 -5.42
C GLY B 166 10.98 -3.40 -6.00
N ASP B 167 10.60 -2.46 -6.85
CA ASP B 167 9.28 -2.43 -7.46
C ASP B 167 9.27 -2.75 -8.96
N ARG B 168 10.43 -3.06 -9.52
CA ARG B 168 10.50 -3.35 -10.96
C ARG B 168 11.15 -4.69 -11.30
N GLU B 169 10.93 -5.15 -12.53
CA GLU B 169 11.50 -6.41 -12.98
C GLU B 169 13.03 -6.38 -12.94
N TYR B 170 13.61 -5.20 -13.21
CA TYR B 170 15.06 -5.05 -13.21
C TYR B 170 15.64 -5.32 -11.82
N ASP B 171 14.86 -5.03 -10.78
CA ASP B 171 15.30 -5.27 -9.42
C ASP B 171 15.36 -6.78 -9.18
N VAL B 172 14.32 -7.47 -9.62
CA VAL B 172 14.24 -8.91 -9.48
C VAL B 172 15.37 -9.57 -10.27
N ILE B 173 15.57 -9.11 -11.50
CA ILE B 173 16.61 -9.68 -12.36
C ILE B 173 18.01 -9.39 -11.82
N GLY B 174 18.21 -8.17 -11.33
CA GLY B 174 19.50 -7.80 -10.77
C GLY B 174 19.81 -8.70 -9.59
N ALA B 175 18.80 -8.98 -8.77
CA ALA B 175 18.98 -9.85 -7.60
C ALA B 175 19.32 -11.26 -8.06
N LEU B 176 18.53 -11.79 -8.98
CA LEU B 176 18.74 -13.15 -9.50
C LEU B 176 20.15 -13.28 -10.06
N LYS B 177 20.59 -12.28 -10.81
CA LYS B 177 21.92 -12.28 -11.41
C LYS B 177 23.02 -12.32 -10.34
N ASN B 178 22.68 -11.87 -9.14
CA ASN B 178 23.64 -11.87 -8.04
C ASN B 178 23.30 -12.93 -7.01
N ASN B 179 22.45 -13.87 -7.41
CA ASN B 179 22.03 -14.96 -6.54
C ASN B 179 21.46 -14.48 -5.22
N LEU B 180 20.67 -13.42 -5.30
CA LEU B 180 20.03 -12.84 -4.13
C LEU B 180 18.53 -13.03 -4.21
N PRO B 181 17.89 -13.27 -3.05
CA PRO B 181 16.44 -13.46 -3.00
C PRO B 181 15.85 -12.07 -3.19
N SER B 182 14.63 -11.98 -3.71
CA SER B 182 14.02 -10.69 -3.92
C SER B 182 12.59 -10.56 -3.42
N ILE B 183 12.28 -9.38 -2.91
CA ILE B 183 10.93 -9.07 -2.44
C ILE B 183 10.48 -7.92 -3.33
N GLY B 184 9.49 -8.19 -4.17
CA GLY B 184 8.97 -7.15 -5.05
C GLY B 184 7.83 -6.43 -4.39
N VAL B 185 7.76 -5.10 -4.54
CA VAL B 185 6.69 -4.33 -3.94
C VAL B 185 5.81 -3.77 -5.05
N THR B 186 4.49 -3.88 -4.87
CA THR B 186 3.52 -3.41 -5.85
C THR B 186 3.04 -1.98 -5.63
N TYR B 187 3.46 -1.36 -4.53
CA TYR B 187 3.05 0.02 -4.27
C TYR B 187 3.92 1.01 -5.05
N GLY B 188 4.88 0.49 -5.81
CA GLY B 188 5.76 1.34 -6.60
C GLY B 188 5.25 1.53 -8.02
N PHE B 189 6.15 1.46 -8.99
CA PHE B 189 5.76 1.64 -10.39
C PHE B 189 5.79 0.37 -11.21
N GLY B 190 5.84 -0.76 -10.52
CA GLY B 190 5.84 -2.05 -11.17
C GLY B 190 4.56 -2.78 -10.79
N SER B 191 4.02 -3.59 -11.70
CA SER B 191 2.79 -4.33 -11.43
C SER B 191 3.11 -5.72 -10.89
N TYR B 192 2.08 -6.37 -10.33
CA TYR B 192 2.23 -7.72 -9.81
C TYR B 192 2.67 -8.63 -10.96
N GLU B 193 2.07 -8.45 -12.14
CA GLU B 193 2.39 -9.25 -13.31
C GLU B 193 3.86 -9.08 -13.69
N GLU B 194 4.33 -7.84 -13.63
CA GLU B 194 5.72 -7.56 -13.97
C GLU B 194 6.65 -8.31 -13.00
N LEU B 195 6.43 -8.11 -11.71
CA LEU B 195 7.26 -8.75 -10.69
C LEU B 195 7.13 -10.26 -10.69
N LYS B 196 5.89 -10.76 -10.81
CA LYS B 196 5.68 -12.20 -10.83
C LYS B 196 6.38 -12.84 -12.02
N ASN B 197 6.26 -12.20 -13.18
CA ASN B 197 6.89 -12.72 -14.38
C ASN B 197 8.41 -12.70 -14.28
N ALA B 198 8.96 -11.69 -13.62
CA ALA B 198 10.41 -11.58 -13.46
C ALA B 198 10.97 -12.66 -12.55
N GLY B 199 10.11 -13.22 -11.70
CA GLY B 199 10.53 -14.27 -10.80
C GLY B 199 10.78 -13.86 -9.35
N ALA B 200 10.13 -12.80 -8.91
CA ALA B 200 10.29 -12.33 -7.54
C ALA B 200 9.94 -13.45 -6.57
N ASN B 201 10.85 -13.76 -5.67
CA ASN B 201 10.63 -14.81 -4.68
C ASN B 201 9.42 -14.49 -3.81
N TYR B 202 9.28 -13.22 -3.46
CA TYR B 202 8.17 -12.75 -2.64
C TYR B 202 7.64 -11.45 -3.22
N ILE B 203 6.35 -11.20 -3.03
CA ILE B 203 5.73 -9.99 -3.52
C ILE B 203 4.81 -9.42 -2.47
N VAL B 204 5.05 -8.18 -2.08
CA VAL B 204 4.24 -7.53 -1.05
C VAL B 204 3.54 -6.33 -1.65
N ASN B 205 2.44 -5.91 -1.02
CA ASN B 205 1.67 -4.81 -1.54
C ASN B 205 1.69 -3.52 -0.75
N SER B 206 2.46 -3.49 0.34
CA SER B 206 2.53 -2.28 1.16
C SER B 206 3.80 -2.26 1.99
N VAL B 207 4.10 -1.09 2.56
CA VAL B 207 5.30 -0.92 3.38
C VAL B 207 5.23 -1.81 4.64
N ASP B 208 4.04 -1.94 5.22
CA ASP B 208 3.90 -2.77 6.41
C ASP B 208 4.06 -4.26 6.05
N GLU B 209 3.50 -4.68 4.92
CA GLU B 209 3.63 -6.07 4.50
C GLU B 209 5.12 -6.36 4.28
N LEU B 210 5.81 -5.39 3.69
CA LEU B 210 7.24 -5.49 3.42
C LEU B 210 8.00 -5.70 4.73
N HIS B 211 7.68 -4.87 5.72
CA HIS B 211 8.31 -4.92 7.04
C HIS B 211 8.12 -6.29 7.68
N LYS B 212 6.90 -6.81 7.66
CA LYS B 212 6.62 -8.11 8.24
C LYS B 212 7.31 -9.24 7.48
N LYS B 213 7.25 -9.18 6.16
CA LYS B 213 7.88 -10.21 5.34
C LYS B 213 9.38 -10.25 5.55
N ILE B 214 9.98 -9.10 5.84
CA ILE B 214 11.42 -9.03 6.07
C ILE B 214 11.78 -9.72 7.39
N LEU B 215 11.05 -9.39 8.45
CA LEU B 215 11.31 -10.00 9.75
C LEU B 215 11.05 -11.50 9.67
N GLU B 216 9.89 -11.86 9.13
CA GLU B 216 9.51 -13.26 9.00
C GLU B 216 10.50 -14.08 8.18
N LEU B 217 11.17 -13.43 7.24
CA LEU B 217 12.14 -14.13 6.38
C LEU B 217 13.45 -14.43 7.11
N ARG B 218 13.72 -13.68 8.17
CA ARG B 218 14.96 -13.88 8.94
C ARG B 218 14.72 -14.74 10.18
NA NA C . -12.39 -1.83 6.62
CL CL D . -17.46 -11.51 6.42
C1 GOL E . -16.24 -6.72 4.69
O1 GOL E . -15.53 -5.91 5.64
C2 GOL E . -15.41 -7.92 4.18
O2 GOL E . -14.14 -7.95 4.83
C3 GOL E . -16.10 -9.28 4.42
O3 GOL E . -17.50 -9.18 4.12
NA NA F . 12.45 1.44 -8.59
CL CL G . 20.47 11.83 6.55
C1 GOL H . 17.16 6.57 -13.65
O1 GOL H . 17.94 7.77 -13.63
C2 GOL H . 16.21 6.48 -12.44
O2 GOL H . 14.88 6.21 -12.93
C3 GOL H . 16.64 5.36 -11.47
O3 GOL H . 15.53 4.75 -10.85
#